data_8ZMB
#
_entry.id   8ZMB
#
_cell.length_a   140.990
_cell.length_b   140.990
_cell.length_c   132.270
_cell.angle_alpha   90.00
_cell.angle_beta   90.00
_cell.angle_gamma   120.00
#
_symmetry.space_group_name_H-M   'P 61 2 2'
#
loop_
_entity.id
_entity.type
_entity.pdbx_description
1 polymer BRD4_HUMAN
2 non-polymer 7-(2-(4-fluoro-2,6-dimethylphenoxy)-5-(2-hydroxypropan-2-yl)phenyl)-5-methyl-2-(2-phenyl-1H-imidazol-5-yl)furo[3,2-c]pyridin-4(5H)-one
3 non-polymer 'DIMETHYL SULFOXIDE'
4 non-polymer 'PHOSPHATE ION'
5 water water
#
_entity_poly.entity_id   1
_entity_poly.type   'polypeptide(L)'
_entity_poly.pdbx_seq_one_letter_code
;MKKGHHHHHHLVPRGSNPPPPETSNPNKPKRQTNQLQYLLRVVLKTLWKHQFAWPFQQPVDAVKLNLPDYYKIIKTPMDM
GTIKKRLENNYYWNAQECIQDFNTMFTNCYIYNKPGDDIVLMAEALEKLFLQKINELPTEE
;
_entity_poly.pdbx_strand_id   A,B,C
#
loop_
_chem_comp.id
_chem_comp.type
_chem_comp.name
_chem_comp.formula
A1L0Y non-polymer 7-(2-(4-fluoro-2,6-dimethylphenoxy)-5-(2-hydroxypropan-2-yl)phenyl)-5-methyl-2-(2-phenyl-1H-imidazol-5-yl)furo[3,2-c]pyridin-4(5H)-one 'C34 H30 F N3 O4'
DMS non-polymer 'DIMETHYL SULFOXIDE' 'C2 H6 O S'
PO4 non-polymer 'PHOSPHATE ION' 'O4 P -3'
#
# COMPACT_ATOMS: atom_id res chain seq x y z
N GLN A 32 0.56 -24.54 5.15
CA GLN A 32 -0.18 -25.84 5.12
C GLN A 32 0.67 -26.91 4.40
N THR A 33 0.91 -26.78 3.08
CA THR A 33 1.71 -27.76 2.28
C THR A 33 2.78 -27.08 1.43
N ASN A 34 2.44 -26.25 0.41
CA ASN A 34 3.44 -25.65 -0.53
C ASN A 34 4.17 -24.52 0.20
N GLN A 35 5.49 -24.46 -0.02
CA GLN A 35 6.42 -23.63 0.78
C GLN A 35 6.27 -22.15 0.40
N LEU A 36 6.25 -21.86 -0.90
CA LEU A 36 6.19 -20.48 -1.43
C LEU A 36 4.86 -19.86 -1.01
N GLN A 37 3.77 -20.62 -1.08
CA GLN A 37 2.42 -20.22 -0.58
C GLN A 37 2.55 -19.75 0.87
N TYR A 38 3.26 -20.53 1.70
CA TYR A 38 3.50 -20.23 3.14
C TYR A 38 4.25 -18.89 3.23
N LEU A 39 5.32 -18.75 2.45
CA LEU A 39 6.21 -17.55 2.49
C LEU A 39 5.39 -16.28 2.21
N LEU A 40 4.44 -16.36 1.28
CA LEU A 40 3.57 -15.22 0.89
C LEU A 40 2.52 -14.94 1.97
N ARG A 41 1.77 -15.97 2.37
CA ARG A 41 0.51 -15.83 3.15
C ARG A 41 0.80 -15.71 4.64
N VAL A 42 1.93 -16.25 5.10
CA VAL A 42 2.30 -16.31 6.53
C VAL A 42 3.54 -15.43 6.76
N VAL A 43 4.69 -15.79 6.18
CA VAL A 43 5.99 -15.13 6.53
C VAL A 43 5.94 -13.65 6.13
N LEU A 44 5.67 -13.36 4.85
CA LEU A 44 5.66 -11.98 4.32
C LEU A 44 4.56 -11.16 4.99
N LYS A 45 3.35 -11.71 5.15
CA LYS A 45 2.22 -10.97 5.78
C LYS A 45 2.66 -10.53 7.18
N THR A 46 3.32 -11.40 7.94
CA THR A 46 3.75 -11.14 9.35
C THR A 46 4.78 -10.02 9.39
N LEU A 47 5.78 -10.09 8.51
CA LEU A 47 6.87 -9.09 8.43
C LEU A 47 6.31 -7.76 7.95
N TRP A 48 5.35 -7.79 7.03
CA TRP A 48 4.76 -6.58 6.39
C TRP A 48 3.96 -5.76 7.41
N LYS A 49 3.21 -6.46 8.28
CA LYS A 49 2.35 -5.89 9.35
C LYS A 49 3.22 -5.24 10.44
N HIS A 50 4.42 -5.77 10.68
CA HIS A 50 5.33 -5.37 11.78
C HIS A 50 5.57 -3.85 11.75
N GLN A 51 5.84 -3.28 12.93
CA GLN A 51 5.97 -1.80 13.13
C GLN A 51 7.11 -1.28 12.26
N PHE A 52 8.21 -2.04 12.22
CA PHE A 52 9.52 -1.62 11.65
C PHE A 52 9.64 -2.02 10.18
N ALA A 53 8.55 -2.43 9.52
CA ALA A 53 8.55 -2.96 8.13
C ALA A 53 8.77 -1.83 7.11
N TRP A 54 8.25 -0.63 7.38
CA TRP A 54 8.02 0.42 6.35
C TRP A 54 9.29 0.79 5.57
N PRO A 55 10.50 0.80 6.16
CA PRO A 55 11.69 1.19 5.40
C PRO A 55 12.15 0.12 4.40
N PHE A 56 11.62 -1.10 4.56
CA PHE A 56 11.99 -2.32 3.79
C PHE A 56 10.84 -2.74 2.87
N GLN A 57 9.85 -1.88 2.63
CA GLN A 57 8.62 -2.23 1.86
C GLN A 57 8.79 -1.80 0.41
N GLN A 58 9.87 -1.07 0.12
CA GLN A 58 10.20 -0.58 -1.25
C GLN A 58 11.70 -0.37 -1.36
N PRO A 59 12.27 -0.43 -2.58
CA PRO A 59 13.69 -0.21 -2.77
C PRO A 59 14.17 1.06 -2.06
N VAL A 60 15.39 1.02 -1.55
CA VAL A 60 16.04 2.21 -0.93
C VAL A 60 16.19 3.23 -2.05
N ASP A 61 15.39 4.31 -2.03
CA ASP A 61 15.41 5.38 -3.07
C ASP A 61 16.60 6.29 -2.76
N ALA A 62 17.72 6.06 -3.43
CA ALA A 62 19.06 6.61 -3.09
C ALA A 62 19.15 8.09 -3.54
N VAL A 63 18.29 8.51 -4.47
CA VAL A 63 18.19 9.94 -4.89
C VAL A 63 17.50 10.74 -3.76
N LYS A 64 16.26 10.38 -3.42
CA LYS A 64 15.46 11.00 -2.31
C LYS A 64 16.31 11.16 -1.05
N LEU A 65 17.15 10.18 -0.72
CA LEU A 65 17.83 10.08 0.59
C LEU A 65 19.23 10.67 0.53
N ASN A 66 19.72 11.05 -0.67
CA ASN A 66 21.07 11.66 -0.87
C ASN A 66 22.17 10.67 -0.62
N LEU A 67 22.07 9.49 -1.21
CA LEU A 67 23.01 8.34 -1.01
C LEU A 67 23.60 7.96 -2.36
N PRO A 68 24.68 8.63 -2.84
CA PRO A 68 25.22 8.32 -4.17
C PRO A 68 25.91 6.96 -4.22
N ASP A 69 26.46 6.51 -3.08
CA ASP A 69 27.36 5.33 -2.96
C ASP A 69 26.55 4.04 -2.76
N TYR A 70 25.25 4.12 -2.44
CA TYR A 70 24.42 2.94 -2.07
C TYR A 70 24.49 1.87 -3.18
N TYR A 71 24.13 2.24 -4.40
CA TYR A 71 23.97 1.28 -5.52
C TYR A 71 25.35 0.86 -6.05
N LYS A 72 26.42 1.51 -5.61
CA LYS A 72 27.82 1.10 -5.90
C LYS A 72 28.25 0.04 -4.88
N ILE A 73 27.94 0.25 -3.61
CA ILE A 73 28.26 -0.70 -2.48
C ILE A 73 27.34 -1.94 -2.52
N ILE A 74 26.03 -1.74 -2.68
CA ILE A 74 25.03 -2.84 -2.67
C ILE A 74 24.81 -3.31 -4.12
N LYS A 75 25.40 -4.44 -4.47
CA LYS A 75 25.40 -5.00 -5.85
C LYS A 75 24.04 -5.63 -6.12
N THR A 76 23.39 -6.23 -5.11
CA THR A 76 22.07 -6.90 -5.21
C THR A 76 21.08 -6.26 -4.24
N PRO A 77 20.41 -5.15 -4.60
CA PRO A 77 19.41 -4.53 -3.74
C PRO A 77 18.20 -5.45 -3.52
N MET A 78 17.49 -5.26 -2.40
CA MET A 78 16.32 -6.11 -2.05
C MET A 78 15.46 -5.44 -0.99
N ASP A 79 14.16 -5.69 -1.09
CA ASP A 79 13.10 -5.14 -0.22
C ASP A 79 11.94 -6.11 -0.24
N MET A 80 11.13 -6.09 0.81
CA MET A 80 9.91 -6.93 0.91
C MET A 80 8.96 -6.60 -0.26
N GLY A 81 8.99 -5.36 -0.77
CA GLY A 81 8.21 -4.95 -1.95
C GLY A 81 8.48 -5.85 -3.15
N THR A 82 9.75 -5.97 -3.52
CA THR A 82 10.23 -6.80 -4.65
C THR A 82 9.96 -8.29 -4.36
N ILE A 83 10.21 -8.74 -3.13
CA ILE A 83 9.98 -10.16 -2.74
C ILE A 83 8.49 -10.47 -2.94
N LYS A 84 7.62 -9.59 -2.46
CA LYS A 84 6.15 -9.71 -2.59
C LYS A 84 5.78 -9.84 -4.07
N LYS A 85 6.33 -8.97 -4.92
CA LYS A 85 6.07 -8.97 -6.38
C LYS A 85 6.41 -10.37 -6.92
N ARG A 86 7.58 -10.87 -6.56
CA ARG A 86 8.19 -12.13 -7.09
C ARG A 86 7.35 -13.33 -6.65
N LEU A 87 6.77 -13.28 -5.45
CA LEU A 87 5.90 -14.36 -4.93
C LEU A 87 4.58 -14.36 -5.69
N GLU A 88 4.04 -13.17 -5.99
CA GLU A 88 2.76 -13.01 -6.72
C GLU A 88 2.94 -13.38 -8.19
N ASN A 89 4.16 -13.27 -8.71
CA ASN A 89 4.44 -13.35 -10.17
C ASN A 89 5.22 -14.63 -10.50
N ASN A 90 5.08 -15.67 -9.69
CA ASN A 90 5.64 -17.02 -9.96
C ASN A 90 7.02 -16.88 -10.58
N TYR A 91 7.85 -16.04 -9.94
CA TYR A 91 9.21 -15.68 -10.38
C TYR A 91 10.21 -16.68 -9.79
N TYR A 92 10.12 -16.93 -8.49
CA TYR A 92 11.04 -17.82 -7.74
C TYR A 92 10.93 -19.25 -8.29
N TRP A 93 12.08 -19.88 -8.51
CA TRP A 93 12.22 -21.33 -8.85
C TRP A 93 11.72 -22.17 -7.68
N ASN A 94 11.96 -21.73 -6.44
CA ASN A 94 11.65 -22.50 -5.22
C ASN A 94 11.90 -21.65 -3.97
N ALA A 95 11.37 -22.08 -2.83
CA ALA A 95 11.36 -21.33 -1.55
C ALA A 95 12.77 -20.87 -1.18
N GLN A 96 13.81 -21.66 -1.49
CA GLN A 96 15.17 -21.36 -1.01
C GLN A 96 15.68 -20.09 -1.70
N GLU A 97 15.23 -19.84 -2.93
CA GLU A 97 15.61 -18.63 -3.70
C GLU A 97 14.99 -17.38 -3.05
N CYS A 98 13.74 -17.50 -2.59
CA CYS A 98 12.98 -16.44 -1.90
C CYS A 98 13.64 -16.13 -0.56
N ILE A 99 13.99 -17.17 0.21
CA ILE A 99 14.63 -17.03 1.54
C ILE A 99 15.98 -16.32 1.36
N GLN A 100 16.70 -16.66 0.29
CA GLN A 100 17.99 -16.01 -0.08
C GLN A 100 17.75 -14.51 -0.18
N ASP A 101 16.65 -14.09 -0.82
CA ASP A 101 16.32 -12.67 -1.06
C ASP A 101 16.05 -11.96 0.27
N PHE A 102 15.30 -12.60 1.18
CA PHE A 102 15.08 -12.07 2.55
C PHE A 102 16.44 -11.81 3.23
N ASN A 103 17.36 -12.79 3.14
CA ASN A 103 18.69 -12.67 3.79
C ASN A 103 19.46 -11.52 3.12
N THR A 104 19.43 -11.44 1.78
CA THR A 104 20.09 -10.35 1.00
C THR A 104 19.61 -9.00 1.54
N MET A 105 18.31 -8.85 1.76
CA MET A 105 17.70 -7.60 2.29
C MET A 105 18.34 -7.24 3.62
N PHE A 106 18.40 -8.20 4.55
CA PHE A 106 18.96 -7.99 5.90
C PHE A 106 20.46 -7.66 5.79
N THR A 107 21.24 -8.53 5.15
CA THR A 107 22.73 -8.38 5.04
C THR A 107 23.04 -7.08 4.30
N ASN A 108 22.21 -6.68 3.31
CA ASN A 108 22.40 -5.41 2.57
C ASN A 108 22.37 -4.26 3.57
N CYS A 109 21.34 -4.25 4.43
CA CYS A 109 21.17 -3.23 5.49
C CYS A 109 22.41 -3.22 6.40
N TYR A 110 22.91 -4.39 6.82
CA TYR A 110 24.03 -4.52 7.78
C TYR A 110 25.36 -4.11 7.13
N ILE A 111 25.51 -4.34 5.82
CA ILE A 111 26.71 -3.93 5.03
C ILE A 111 26.78 -2.40 5.00
N TYR A 112 25.72 -1.75 4.52
CA TYR A 112 25.71 -0.30 4.20
C TYR A 112 25.71 0.56 5.47
N ASN A 113 25.02 0.13 6.51
CA ASN A 113 24.75 0.95 7.73
C ASN A 113 25.73 0.55 8.85
N LYS A 114 26.05 1.50 9.72
CA LYS A 114 26.97 1.31 10.88
C LYS A 114 26.21 0.46 11.90
N PRO A 115 26.84 -0.56 12.53
CA PRO A 115 26.17 -1.33 13.58
C PRO A 115 25.72 -0.37 14.68
N GLY A 116 24.48 -0.49 15.15
CA GLY A 116 23.92 0.40 16.20
C GLY A 116 22.94 1.42 15.65
N ASP A 117 23.08 1.84 14.37
CA ASP A 117 22.10 2.71 13.64
C ASP A 117 20.67 2.23 13.88
N ASP A 118 19.69 3.15 13.83
CA ASP A 118 18.23 2.88 13.99
C ASP A 118 17.80 1.78 13.02
N ILE A 119 18.09 1.97 11.72
CA ILE A 119 17.68 1.07 10.61
C ILE A 119 18.18 -0.37 10.86
N VAL A 120 19.39 -0.52 11.40
CA VAL A 120 20.00 -1.86 11.69
C VAL A 120 19.22 -2.57 12.80
N LEU A 121 18.82 -1.86 13.86
CA LEU A 121 18.03 -2.46 14.97
C LEU A 121 16.68 -2.92 14.42
N MET A 122 16.09 -2.13 13.52
CA MET A 122 14.81 -2.46 12.85
C MET A 122 14.98 -3.74 12.01
N ALA A 123 16.05 -3.82 11.22
CA ALA A 123 16.38 -5.00 10.37
C ALA A 123 16.56 -6.23 11.26
N GLU A 124 17.30 -6.08 12.36
CA GLU A 124 17.59 -7.16 13.34
C GLU A 124 16.28 -7.71 13.92
N ALA A 125 15.33 -6.82 14.27
CA ALA A 125 14.01 -7.17 14.81
C ALA A 125 13.24 -8.03 13.79
N LEU A 126 13.19 -7.56 12.54
CA LEU A 126 12.51 -8.25 11.41
C LEU A 126 13.21 -9.59 11.14
N GLU A 127 14.54 -9.62 11.16
CA GLU A 127 15.32 -10.87 10.91
C GLU A 127 14.93 -11.91 11.96
N LYS A 128 14.87 -11.52 13.25
CA LYS A 128 14.57 -12.46 14.36
C LYS A 128 13.20 -13.10 14.09
N LEU A 129 12.21 -12.26 13.78
CA LEU A 129 10.82 -12.66 13.47
C LEU A 129 10.80 -13.54 12.21
N PHE A 130 11.54 -13.14 11.18
CA PHE A 130 11.66 -13.89 9.91
C PHE A 130 12.09 -15.33 10.22
N LEU A 131 13.11 -15.48 11.07
CA LEU A 131 13.72 -16.81 11.38
C LEU A 131 12.77 -17.62 12.26
N GLN A 132 12.01 -16.98 13.15
CA GLN A 132 10.95 -17.67 13.95
C GLN A 132 9.96 -18.31 12.97
N LYS A 133 9.42 -17.51 12.05
CA LYS A 133 8.34 -17.92 11.12
C LYS A 133 8.86 -18.98 10.13
N ILE A 134 10.16 -18.96 9.81
CA ILE A 134 10.79 -19.86 8.80
C ILE A 134 10.91 -21.28 9.39
N ASN A 135 10.93 -21.41 10.72
CA ASN A 135 11.07 -22.72 11.42
C ASN A 135 9.78 -23.54 11.29
N GLU A 136 8.61 -22.88 11.24
CA GLU A 136 7.29 -23.55 11.17
C GLU A 136 6.96 -23.90 9.71
N LEU A 137 7.95 -23.96 8.80
CA LEU A 137 7.76 -24.09 7.33
C LEU A 137 7.39 -25.53 6.99
N PRO A 138 6.30 -25.81 6.23
CA PRO A 138 6.04 -27.15 5.69
C PRO A 138 7.15 -27.77 4.80
N THR A 139 7.02 -29.05 4.42
CA THR A 139 7.98 -29.77 3.54
C THR A 139 7.32 -30.95 2.81
N GLN B 32 0.05 29.55 -12.86
CA GLN B 32 -0.75 30.55 -13.68
C GLN B 32 -0.18 31.97 -13.47
N THR B 33 -0.28 32.55 -12.26
CA THR B 33 0.38 33.84 -11.90
C THR B 33 1.90 33.60 -11.79
N ASN B 34 2.70 34.67 -11.80
CA ASN B 34 4.19 34.65 -11.69
C ASN B 34 4.64 34.03 -10.35
N GLN B 35 3.85 34.20 -9.29
CA GLN B 35 4.18 33.76 -7.91
C GLN B 35 4.06 32.23 -7.78
N LEU B 36 2.97 31.66 -8.31
CA LEU B 36 2.70 30.20 -8.25
C LEU B 36 3.82 29.45 -8.99
N GLN B 37 4.21 29.95 -10.16
CA GLN B 37 5.35 29.44 -10.96
C GLN B 37 6.58 29.37 -10.06
N TYR B 38 6.86 30.44 -9.33
CA TYR B 38 8.02 30.52 -8.39
C TYR B 38 7.87 29.41 -7.34
N LEU B 39 6.69 29.27 -6.75
CA LEU B 39 6.46 28.31 -5.64
C LEU B 39 6.76 26.88 -6.11
N LEU B 40 6.41 26.55 -7.36
CA LEU B 40 6.63 25.21 -7.95
C LEU B 40 8.11 25.04 -8.31
N ARG B 41 8.69 25.98 -9.06
CA ARG B 41 9.99 25.82 -9.74
C ARG B 41 11.16 26.13 -8.81
N VAL B 42 10.94 26.96 -7.80
CA VAL B 42 11.99 27.41 -6.83
C VAL B 42 11.69 26.83 -5.45
N VAL B 43 10.59 27.23 -4.82
CA VAL B 43 10.34 26.90 -3.37
C VAL B 43 10.22 25.37 -3.20
N LEU B 44 9.28 24.75 -3.93
CA LEU B 44 8.99 23.30 -3.82
C LEU B 44 10.23 22.49 -4.24
N LYS B 45 10.87 22.85 -5.36
CA LYS B 45 12.06 22.11 -5.87
C LYS B 45 13.12 22.07 -4.76
N THR B 46 13.34 23.20 -4.08
CA THR B 46 14.38 23.36 -3.05
C THR B 46 14.08 22.47 -1.86
N LEU B 47 12.84 22.50 -1.38
CA LEU B 47 12.36 21.72 -0.20
C LEU B 47 12.39 20.23 -0.55
N TRP B 48 12.04 19.89 -1.79
CA TRP B 48 11.89 18.48 -2.25
C TRP B 48 13.26 17.79 -2.29
N LYS B 49 14.28 18.52 -2.74
CA LYS B 49 15.68 18.03 -2.88
C LYS B 49 16.33 17.84 -1.51
N HIS B 50 15.92 18.61 -0.51
CA HIS B 50 16.54 18.65 0.85
C HIS B 50 16.59 17.25 1.45
N GLN B 51 17.57 16.99 2.33
CA GLN B 51 17.84 15.65 2.91
C GLN B 51 16.61 15.17 3.68
N PHE B 52 15.96 16.09 4.41
CA PHE B 52 14.91 15.82 5.40
C PHE B 52 13.50 15.87 4.78
N ALA B 53 13.39 15.91 3.45
CA ALA B 53 12.11 16.09 2.73
C ALA B 53 11.26 14.82 2.77
N TRP B 54 11.88 13.65 2.76
CA TRP B 54 11.22 12.35 2.39
C TRP B 54 9.99 12.07 3.25
N PRO B 55 9.93 12.40 4.56
CA PRO B 55 8.76 12.06 5.37
C PRO B 55 7.53 12.92 5.04
N PHE B 56 7.76 14.04 4.33
CA PHE B 56 6.75 15.07 3.99
C PHE B 56 6.42 15.05 2.50
N GLN B 57 6.81 14.00 1.77
CA GLN B 57 6.66 13.95 0.28
C GLN B 57 5.37 13.20 -0.08
N GLN B 58 4.71 12.62 0.92
CA GLN B 58 3.43 11.87 0.75
C GLN B 58 2.68 11.91 2.07
N PRO B 59 1.34 11.76 2.05
CA PRO B 59 0.56 11.73 3.29
C PRO B 59 1.16 10.77 4.31
N VAL B 60 1.09 11.13 5.59
CA VAL B 60 1.50 10.25 6.72
C VAL B 60 0.60 9.02 6.65
N ASP B 61 1.17 7.86 6.26
CA ASP B 61 0.43 6.57 6.17
C ASP B 61 0.26 6.00 7.58
N ALA B 62 -0.89 6.26 8.19
CA ALA B 62 -1.15 6.06 9.64
C ALA B 62 -1.41 4.57 9.93
N VAL B 63 -1.75 3.78 8.91
CA VAL B 63 -1.91 2.31 9.02
C VAL B 63 -0.50 1.68 9.15
N LYS B 64 0.35 1.88 8.14
CA LYS B 64 1.76 1.39 8.11
C LYS B 64 2.48 1.69 9.44
N LEU B 65 2.23 2.86 10.04
CA LEU B 65 3.04 3.38 11.17
C LEU B 65 2.38 3.02 12.51
N ASN B 66 1.16 2.49 12.51
CA ASN B 66 0.42 2.14 13.75
C ASN B 66 0.03 3.38 14.51
N LEU B 67 -0.63 4.30 13.84
CA LEU B 67 -1.08 5.60 14.43
C LEU B 67 -2.59 5.74 14.22
N PRO B 68 -3.44 5.17 15.10
CA PRO B 68 -4.90 5.24 14.89
C PRO B 68 -5.45 6.65 15.12
N ASP B 69 -4.78 7.43 15.99
CA ASP B 69 -5.25 8.74 16.52
C ASP B 69 -4.83 9.88 15.58
N TYR B 70 -3.94 9.65 14.61
CA TYR B 70 -3.38 10.73 13.75
C TYR B 70 -4.51 11.49 13.06
N TYR B 71 -5.35 10.78 12.32
CA TYR B 71 -6.39 11.41 11.45
C TYR B 71 -7.56 11.90 12.30
N LYS B 72 -7.59 11.54 13.60
CA LYS B 72 -8.55 12.11 14.58
C LYS B 72 -8.02 13.47 15.08
N ILE B 73 -6.73 13.55 15.40
CA ILE B 73 -6.03 14.77 15.91
C ILE B 73 -5.80 15.78 14.78
N ILE B 74 -5.30 15.34 13.62
CA ILE B 74 -5.00 16.24 12.47
C ILE B 74 -6.22 16.31 11.55
N LYS B 75 -6.94 17.44 11.65
CA LYS B 75 -8.22 17.64 10.92
C LYS B 75 -7.92 17.92 9.45
N THR B 76 -6.81 18.63 9.13
CA THR B 76 -6.42 19.01 7.75
C THR B 76 -5.02 18.48 7.45
N PRO B 77 -4.87 17.22 7.01
CA PRO B 77 -3.56 16.68 6.63
C PRO B 77 -2.96 17.41 5.42
N MET B 78 -1.63 17.39 5.31
CA MET B 78 -0.90 18.07 4.21
C MET B 78 0.53 17.52 4.09
N ASP B 79 1.00 17.50 2.86
CA ASP B 79 2.33 17.00 2.47
C ASP B 79 2.75 17.72 1.20
N MET B 80 4.05 17.81 0.96
CA MET B 80 4.62 18.40 -0.26
C MET B 80 4.08 17.66 -1.50
N GLY B 81 3.79 16.36 -1.37
CA GLY B 81 3.18 15.55 -2.44
C GLY B 81 1.90 16.18 -2.96
N THR B 82 0.96 16.42 -2.06
CA THR B 82 -0.36 17.04 -2.33
C THR B 82 -0.17 18.48 -2.85
N ILE B 83 0.73 19.24 -2.23
CA ILE B 83 1.00 20.65 -2.63
C ILE B 83 1.49 20.64 -4.08
N LYS B 84 2.43 19.74 -4.40
CA LYS B 84 3.01 19.56 -5.76
C LYS B 84 1.86 19.29 -6.74
N LYS B 85 0.96 18.36 -6.40
CA LYS B 85 -0.20 17.97 -7.25
C LYS B 85 -0.99 19.25 -7.56
N ARG B 86 -1.28 20.03 -6.52
CA ARG B 86 -2.18 21.22 -6.59
C ARG B 86 -1.56 22.32 -7.44
N LEU B 87 -0.23 22.44 -7.41
CA LEU B 87 0.50 23.44 -8.22
C LEU B 87 0.45 23.03 -9.69
N GLU B 88 0.58 21.72 -9.97
CA GLU B 88 0.57 21.18 -11.35
C GLU B 88 -0.85 21.23 -11.92
N ASN B 89 -1.87 21.24 -11.05
CA ASN B 89 -3.29 21.07 -11.46
C ASN B 89 -4.07 22.37 -11.31
N ASN B 90 -3.41 23.53 -11.37
CA ASN B 90 -4.07 24.87 -11.33
C ASN B 90 -5.23 24.82 -10.33
N TYR B 91 -4.97 24.28 -9.14
CA TYR B 91 -5.98 24.07 -8.07
C TYR B 91 -6.08 25.31 -7.20
N TYR B 92 -4.93 25.83 -6.78
CA TYR B 92 -4.80 27.02 -5.91
C TYR B 92 -5.45 28.23 -6.58
N TRP B 93 -6.25 28.99 -5.82
CA TRP B 93 -6.80 30.32 -6.20
C TRP B 93 -5.66 31.32 -6.45
N ASN B 94 -4.60 31.22 -5.66
CA ASN B 94 -3.42 32.11 -5.69
C ASN B 94 -2.36 31.60 -4.70
N ALA B 95 -1.13 32.12 -4.82
CA ALA B 95 0.05 31.69 -4.05
C ALA B 95 -0.24 31.64 -2.54
N GLN B 96 -1.06 32.53 -2.00
CA GLN B 96 -1.25 32.64 -0.53
C GLN B 96 -1.97 31.39 -0.03
N GLU B 97 -2.82 30.78 -0.87
CA GLU B 97 -3.53 29.51 -0.53
C GLU B 97 -2.51 28.36 -0.43
N CYS B 98 -1.54 28.34 -1.33
CA CYS B 98 -0.44 27.35 -1.38
C CYS B 98 0.44 27.50 -0.14
N ILE B 99 0.81 28.73 0.21
CA ILE B 99 1.64 29.03 1.41
C ILE B 99 0.90 28.56 2.67
N GLN B 100 -0.42 28.76 2.71
CA GLN B 100 -1.28 28.28 3.83
C GLN B 100 -1.03 26.78 4.00
N ASP B 101 -1.01 26.03 2.89
CA ASP B 101 -0.86 24.55 2.89
C ASP B 101 0.51 24.16 3.45
N PHE B 102 1.57 24.86 3.03
CA PHE B 102 2.94 24.65 3.58
C PHE B 102 2.89 24.81 5.09
N ASN B 103 2.27 25.88 5.60
CA ASN B 103 2.20 26.17 7.05
C ASN B 103 1.42 25.03 7.73
N THR B 104 0.28 24.63 7.15
CA THR B 104 -0.56 23.54 7.70
C THR B 104 0.30 22.29 7.87
N MET B 105 1.12 21.96 6.87
CA MET B 105 2.04 20.77 6.90
C MET B 105 2.94 20.87 8.12
N PHE B 106 3.60 22.01 8.31
CA PHE B 106 4.57 22.23 9.41
C PHE B 106 3.81 22.16 10.75
N THR B 107 2.77 22.98 10.93
CA THR B 107 2.01 23.07 12.21
C THR B 107 1.37 21.71 12.51
N ASN B 108 0.94 20.95 11.49
CA ASN B 108 0.39 19.59 11.68
C ASN B 108 1.43 18.72 12.38
N CYS B 109 2.66 18.75 11.87
CA CYS B 109 3.80 18.01 12.44
C CYS B 109 4.01 18.42 13.91
N TYR B 110 3.98 19.73 14.20
CA TYR B 110 4.27 20.29 15.54
C TYR B 110 3.12 19.97 16.52
N ILE B 111 1.87 19.90 16.03
CA ILE B 111 0.68 19.52 16.85
C ILE B 111 0.85 18.07 17.32
N TYR B 112 1.02 17.13 16.38
CA TYR B 112 0.94 15.67 16.65
C TYR B 112 2.17 15.17 17.42
N ASN B 113 3.35 15.71 17.11
CA ASN B 113 4.65 15.17 17.60
C ASN B 113 5.14 16.03 18.77
N LYS B 114 5.90 15.42 19.69
CA LYS B 114 6.48 16.10 20.88
C LYS B 114 7.60 16.99 20.38
N PRO B 115 7.75 18.26 20.86
CA PRO B 115 8.91 19.07 20.51
C PRO B 115 10.18 18.33 20.92
N GLY B 116 11.19 18.27 20.05
CA GLY B 116 12.44 17.53 20.29
C GLY B 116 12.53 16.25 19.48
N ASP B 117 11.40 15.60 19.18
CA ASP B 117 11.31 14.41 18.29
C ASP B 117 12.10 14.65 16.99
N ASP B 118 12.57 13.57 16.37
CA ASP B 118 13.37 13.58 15.11
C ASP B 118 12.60 14.35 14.03
N ILE B 119 11.35 13.94 13.79
CA ILE B 119 10.45 14.46 12.73
C ILE B 119 10.25 15.97 12.88
N VAL B 120 10.16 16.47 14.12
CA VAL B 120 9.94 17.90 14.43
C VAL B 120 11.17 18.72 14.01
N LEU B 121 12.38 18.23 14.32
CA LEU B 121 13.64 18.93 13.94
C LEU B 121 13.73 19.01 12.42
N MET B 122 13.32 17.93 11.74
CA MET B 122 13.31 17.86 10.25
C MET B 122 12.32 18.91 9.71
N ALA B 123 11.12 18.99 10.27
CA ALA B 123 10.08 19.96 9.89
C ALA B 123 10.61 21.38 10.09
N GLU B 124 11.23 21.64 11.24
CA GLU B 124 11.82 22.95 11.63
C GLU B 124 12.86 23.36 10.59
N ALA B 125 13.72 22.44 10.16
CA ALA B 125 14.78 22.67 9.15
C ALA B 125 14.14 23.12 7.83
N LEU B 126 13.14 22.36 7.37
CA LEU B 126 12.39 22.64 6.11
C LEU B 126 11.65 23.97 6.23
N GLU B 127 11.02 24.23 7.39
CA GLU B 127 10.27 25.50 7.63
C GLU B 127 11.23 26.68 7.47
N LYS B 128 12.41 26.60 8.07
CA LYS B 128 13.41 27.72 8.06
C LYS B 128 13.76 28.02 6.59
N LEU B 129 14.06 26.97 5.83
CA LEU B 129 14.39 27.05 4.38
C LEU B 129 13.20 27.60 3.59
N PHE B 130 12.00 27.10 3.89
CA PHE B 130 10.74 27.55 3.26
C PHE B 130 10.63 29.07 3.40
N LEU B 131 10.85 29.59 4.61
CA LEU B 131 10.69 31.03 4.95
C LEU B 131 11.78 31.86 4.28
N GLN B 132 13.00 31.33 4.15
CA GLN B 132 14.10 32.00 3.40
C GLN B 132 13.62 32.22 1.96
N LYS B 133 13.18 31.14 1.31
CA LYS B 133 12.82 31.14 -0.14
C LYS B 133 11.57 32.00 -0.38
N ILE B 134 10.69 32.12 0.62
CA ILE B 134 9.39 32.85 0.49
C ILE B 134 9.63 34.36 0.47
N ASN B 135 10.76 34.82 1.02
CA ASN B 135 11.12 36.26 1.12
C ASN B 135 11.48 36.81 -0.26
N GLU B 136 12.09 35.98 -1.13
CA GLU B 136 12.56 36.37 -2.48
C GLU B 136 11.39 36.28 -3.49
N LEU B 137 10.12 36.34 -3.02
CA LEU B 137 8.90 36.13 -3.83
C LEU B 137 8.64 37.34 -4.74
N PRO B 138 8.46 37.15 -6.07
CA PRO B 138 8.02 38.24 -6.96
C PRO B 138 6.72 38.97 -6.57
N THR B 139 6.40 40.08 -7.26
CA THR B 139 5.31 41.03 -6.88
C THR B 139 4.83 41.80 -8.11
N GLN C 32 -7.87 -34.20 -14.28
CA GLN C 32 -6.92 -34.00 -15.42
C GLN C 32 -6.47 -32.53 -15.48
N THR C 33 -7.22 -31.56 -14.93
CA THR C 33 -6.82 -30.12 -14.90
C THR C 33 -7.04 -29.51 -13.50
N ASN C 34 -6.28 -28.44 -13.20
CA ASN C 34 -6.19 -27.79 -11.87
C ASN C 34 -7.46 -26.96 -11.66
N GLN C 35 -7.97 -26.93 -10.43
CA GLN C 35 -9.28 -26.32 -10.08
C GLN C 35 -9.22 -24.80 -10.14
N LEU C 36 -8.18 -24.21 -9.53
CA LEU C 36 -8.03 -22.73 -9.45
C LEU C 36 -7.86 -22.17 -10.87
N GLN C 37 -7.08 -22.85 -11.71
CA GLN C 37 -6.92 -22.49 -13.15
C GLN C 37 -8.31 -22.41 -13.79
N TYR C 38 -9.16 -23.40 -13.54
CA TYR C 38 -10.55 -23.46 -14.07
C TYR C 38 -11.32 -22.23 -13.57
N LEU C 39 -11.23 -21.95 -12.27
CA LEU C 39 -11.97 -20.83 -11.62
C LEU C 39 -11.62 -19.51 -12.31
N LEU C 40 -10.36 -19.32 -12.68
CA LEU C 40 -9.87 -18.08 -13.35
C LEU C 40 -10.33 -18.04 -14.81
N ARG C 41 -10.05 -19.12 -15.56
CA ARG C 41 -10.15 -19.14 -17.05
C ARG C 41 -11.59 -19.39 -17.51
N VAL C 42 -12.40 -20.06 -16.70
CA VAL C 42 -13.78 -20.48 -17.05
C VAL C 42 -14.78 -19.75 -16.16
N VAL C 43 -14.76 -20.01 -14.84
CA VAL C 43 -15.83 -19.49 -13.92
C VAL C 43 -15.81 -17.95 -13.91
N LEU C 44 -14.67 -17.35 -13.57
CA LEU C 44 -14.52 -15.88 -13.44
C LEU C 44 -14.76 -15.22 -14.80
N LYS C 45 -14.18 -15.75 -15.88
CA LYS C 45 -14.34 -15.16 -17.24
C LYS C 45 -15.83 -15.07 -17.56
N THR C 46 -16.60 -16.12 -17.27
CA THR C 46 -18.06 -16.22 -17.57
C THR C 46 -18.83 -15.15 -16.79
N LEU C 47 -18.55 -15.03 -15.49
CA LEU C 47 -19.23 -14.08 -14.58
C LEU C 47 -18.86 -12.66 -14.97
N TRP C 48 -17.60 -12.45 -15.38
CA TRP C 48 -17.04 -11.11 -15.68
C TRP C 48 -17.69 -10.55 -16.95
N LYS C 49 -17.92 -11.40 -17.96
CA LYS C 49 -18.52 -11.05 -19.28
C LYS C 49 -20.01 -10.71 -19.11
N HIS C 50 -20.68 -11.32 -18.13
CA HIS C 50 -22.14 -11.21 -17.90
C HIS C 50 -22.58 -9.75 -17.84
N GLN C 51 -23.82 -9.47 -18.23
CA GLN C 51 -24.39 -8.10 -18.36
C GLN C 51 -24.34 -7.40 -17.00
N PHE C 52 -24.64 -8.15 -15.93
CA PHE C 52 -24.89 -7.63 -14.56
C PHE C 52 -23.60 -7.65 -13.72
N ALA C 53 -22.43 -7.85 -14.33
CA ALA C 53 -21.15 -8.06 -13.60
C ALA C 53 -20.62 -6.73 -13.04
N TRP C 54 -20.87 -5.61 -13.74
CA TRP C 54 -20.11 -4.34 -13.57
C TRP C 54 -20.14 -3.83 -12.13
N PRO C 55 -21.23 -3.96 -11.34
CA PRO C 55 -21.24 -3.41 -9.98
C PRO C 55 -20.37 -4.23 -9.00
N PHE C 56 -20.01 -5.45 -9.40
CA PHE C 56 -19.26 -6.44 -8.59
C PHE C 56 -17.83 -6.62 -9.11
N GLN C 57 -17.34 -5.72 -9.97
CA GLN C 57 -16.01 -5.87 -10.64
C GLN C 57 -14.95 -5.08 -9.86
N GLN C 58 -15.37 -4.32 -8.86
CA GLN C 58 -14.48 -3.52 -7.99
C GLN C 58 -15.18 -3.31 -6.65
N PRO C 59 -14.42 -3.07 -5.56
CA PRO C 59 -15.02 -2.82 -4.25
C PRO C 59 -16.13 -1.77 -4.34
N VAL C 60 -17.17 -1.95 -3.52
CA VAL C 60 -18.29 -0.98 -3.38
C VAL C 60 -17.67 0.33 -2.89
N ASP C 61 -17.61 1.35 -3.75
CA ASP C 61 -17.05 2.68 -3.41
C ASP C 61 -18.09 3.45 -2.59
N ALA C 62 -17.97 3.38 -1.27
CA ALA C 62 -19.01 3.79 -0.29
C ALA C 62 -19.05 5.33 -0.16
N VAL C 63 -17.95 5.98 -0.52
CA VAL C 63 -17.85 7.48 -0.57
C VAL C 63 -18.67 7.99 -1.76
N LYS C 64 -18.30 7.58 -2.97
CA LYS C 64 -18.99 7.97 -4.24
C LYS C 64 -20.50 7.78 -4.14
N LEU C 65 -20.97 6.75 -3.43
CA LEU C 65 -22.40 6.33 -3.42
C LEU C 65 -23.13 6.95 -2.23
N ASN C 66 -22.44 7.52 -1.26
CA ASN C 66 -23.05 8.09 -0.02
C ASN C 66 -23.60 6.99 0.86
N LEU C 67 -22.76 6.02 1.16
CA LEU C 67 -23.12 4.84 2.02
C LEU C 67 -22.15 4.78 3.20
N PRO C 68 -22.37 5.54 4.29
CA PRO C 68 -21.39 5.60 5.38
C PRO C 68 -21.35 4.30 6.21
N ASP C 69 -22.47 3.58 6.25
CA ASP C 69 -22.72 2.42 7.15
C ASP C 69 -22.22 1.11 6.52
N TYR C 70 -21.91 1.10 5.21
CA TYR C 70 -21.57 -0.15 4.47
C TYR C 70 -20.42 -0.88 5.16
N TYR C 71 -19.28 -0.20 5.36
CA TYR C 71 -18.03 -0.83 5.83
C TYR C 71 -18.13 -1.12 7.33
N LYS C 72 -19.16 -0.61 8.01
CA LYS C 72 -19.46 -0.96 9.43
C LYS C 72 -20.28 -2.24 9.47
N ILE C 73 -21.28 -2.37 8.59
CA ILE C 73 -22.19 -3.56 8.47
C ILE C 73 -21.45 -4.75 7.83
N ILE C 74 -20.75 -4.52 6.72
CA ILE C 74 -20.03 -5.59 5.96
C ILE C 74 -18.60 -5.66 6.48
N LYS C 75 -18.32 -6.66 7.31
CA LYS C 75 -17.00 -6.80 7.98
C LYS C 75 -15.97 -7.36 7.00
N THR C 76 -16.39 -8.22 6.05
CA THR C 76 -15.50 -8.79 5.00
C THR C 76 -16.02 -8.42 3.61
N PRO C 77 -15.66 -7.25 3.06
CA PRO C 77 -16.04 -6.88 1.69
C PRO C 77 -15.42 -7.81 0.65
N MET C 78 -16.05 -7.92 -0.52
CA MET C 78 -15.56 -8.80 -1.63
C MET C 78 -16.17 -8.38 -2.95
N ASP C 79 -15.39 -8.58 -4.01
CA ASP C 79 -15.75 -8.23 -5.41
C ASP C 79 -14.97 -9.16 -6.32
N MET C 80 -15.49 -9.38 -7.53
CA MET C 80 -14.80 -10.18 -8.57
C MET C 80 -13.43 -9.57 -8.88
N GLY C 81 -13.28 -8.25 -8.74
CA GLY C 81 -12.00 -7.54 -8.91
C GLY C 81 -10.91 -8.13 -8.02
N THR C 82 -11.18 -8.18 -6.72
CA THR C 82 -10.28 -8.73 -5.68
C THR C 82 -10.06 -10.22 -5.92
N ILE C 83 -11.11 -10.96 -6.24
CA ILE C 83 -11.01 -12.44 -6.48
C ILE C 83 -10.05 -12.66 -7.66
N LYS C 84 -10.23 -11.89 -8.73
CA LYS C 84 -9.38 -11.94 -9.95
C LYS C 84 -7.92 -11.70 -9.56
N LYS C 85 -7.66 -10.66 -8.77
CA LYS C 85 -6.29 -10.30 -8.28
C LYS C 85 -5.69 -11.54 -7.60
N ARG C 86 -6.47 -12.16 -6.70
CA ARG C 86 -6.01 -13.26 -5.82
C ARG C 86 -5.70 -14.52 -6.65
N LEU C 87 -6.44 -14.74 -7.72
CA LEU C 87 -6.22 -15.89 -8.64
C LEU C 87 -4.93 -15.65 -9.44
N GLU C 88 -4.70 -14.40 -9.86
CA GLU C 88 -3.48 -14.01 -10.65
C GLU C 88 -2.24 -14.02 -9.75
N ASN C 89 -2.42 -13.82 -8.44
CA ASN C 89 -1.30 -13.55 -7.49
C ASN C 89 -1.10 -14.72 -6.54
N ASN C 90 -1.41 -15.93 -6.99
CA ASN C 90 -1.07 -17.19 -6.27
C ASN C 90 -1.36 -16.98 -4.77
N TYR C 91 -2.51 -16.39 -4.44
CA TYR C 91 -2.91 -16.02 -3.07
C TYR C 91 -3.65 -17.19 -2.41
N TYR C 92 -4.68 -17.71 -3.08
CA TYR C 92 -5.58 -18.76 -2.55
C TYR C 92 -4.77 -20.03 -2.25
N TRP C 93 -5.01 -20.61 -1.06
CA TRP C 93 -4.46 -21.92 -0.64
C TRP C 93 -5.03 -23.02 -1.52
N ASN C 94 -6.29 -22.89 -1.94
CA ASN C 94 -7.03 -23.94 -2.70
C ASN C 94 -8.39 -23.38 -3.15
N ALA C 95 -9.03 -24.06 -4.11
CA ALA C 95 -10.27 -23.62 -4.78
C ALA C 95 -11.35 -23.28 -3.75
N GLN C 96 -11.41 -23.99 -2.62
CA GLN C 96 -12.53 -23.83 -1.65
C GLN C 96 -12.44 -22.44 -1.02
N GLU C 97 -11.23 -21.89 -0.86
CA GLU C 97 -11.01 -20.53 -0.30
C GLU C 97 -11.55 -19.47 -1.27
N CYS C 98 -11.33 -19.68 -2.57
CA CYS C 98 -11.78 -18.78 -3.66
C CYS C 98 -13.32 -18.81 -3.71
N ILE C 99 -13.91 -20.01 -3.67
CA ILE C 99 -15.39 -20.20 -3.71
C ILE C 99 -16.01 -19.50 -2.49
N GLN C 100 -15.36 -19.58 -1.32
CA GLN C 100 -15.78 -18.90 -0.08
C GLN C 100 -15.94 -17.41 -0.40
N ASP C 101 -14.97 -16.83 -1.11
CA ASP C 101 -14.94 -15.37 -1.43
C ASP C 101 -16.11 -15.02 -2.33
N PHE C 102 -16.39 -15.84 -3.35
CA PHE C 102 -17.57 -15.66 -4.24
C PHE C 102 -18.83 -15.61 -3.38
N ASN C 103 -18.99 -16.55 -2.44
CA ASN C 103 -20.20 -16.64 -1.59
C ASN C 103 -20.26 -15.37 -0.71
N THR C 104 -19.14 -14.97 -0.11
CA THR C 104 -19.05 -13.75 0.74
C THR C 104 -19.58 -12.56 -0.08
N MET C 105 -19.16 -12.42 -1.33
CA MET C 105 -19.58 -11.32 -2.24
C MET C 105 -21.11 -11.32 -2.34
N PHE C 106 -21.70 -12.47 -2.65
CA PHE C 106 -23.17 -12.62 -2.84
C PHE C 106 -23.87 -12.31 -1.51
N THR C 107 -23.54 -13.02 -0.43
CA THR C 107 -24.19 -12.88 0.89
C THR C 107 -24.02 -11.45 1.41
N ASN C 108 -22.87 -10.80 1.12
CA ASN C 108 -22.63 -9.38 1.50
C ASN C 108 -23.72 -8.52 0.87
N CYS C 109 -23.95 -8.69 -0.42
CA CYS C 109 -24.99 -7.97 -1.20
C CYS C 109 -26.37 -8.21 -0.57
N TYR C 110 -26.70 -9.45 -0.21
CA TYR C 110 -28.03 -9.84 0.32
C TYR C 110 -28.23 -9.30 1.74
N ILE C 111 -27.15 -9.21 2.54
CA ILE C 111 -27.18 -8.63 3.92
C ILE C 111 -27.54 -7.15 3.82
N TYR C 112 -26.75 -6.36 3.07
CA TYR C 112 -26.80 -4.89 3.06
C TYR C 112 -28.05 -4.37 2.35
N ASN C 113 -28.49 -5.04 1.29
CA ASN C 113 -29.57 -4.53 0.39
C ASN C 113 -30.89 -5.22 0.75
N LYS C 114 -32.00 -4.53 0.52
CA LYS C 114 -33.38 -5.05 0.76
C LYS C 114 -33.66 -6.09 -0.32
N PRO C 115 -34.25 -7.27 0.01
CA PRO C 115 -34.63 -8.23 -1.03
C PRO C 115 -35.60 -7.55 -2.00
N GLY C 116 -35.38 -7.70 -3.30
CA GLY C 116 -36.21 -7.05 -4.34
C GLY C 116 -35.48 -5.90 -5.04
N ASP C 117 -34.55 -5.22 -4.34
CA ASP C 117 -33.66 -4.16 -4.92
C ASP C 117 -33.04 -4.66 -6.23
N ASP C 118 -32.71 -3.73 -7.15
CA ASP C 118 -32.06 -4.02 -8.46
C ASP C 118 -30.80 -4.86 -8.27
N ILE C 119 -29.90 -4.38 -7.42
CA ILE C 119 -28.55 -4.97 -7.15
C ILE C 119 -28.70 -6.43 -6.67
N VAL C 120 -29.72 -6.73 -5.86
CA VAL C 120 -29.98 -8.09 -5.30
C VAL C 120 -30.36 -9.05 -6.44
N LEU C 121 -31.23 -8.63 -7.37
CA LEU C 121 -31.65 -9.47 -8.52
C LEU C 121 -30.43 -9.76 -9.39
N MET C 122 -29.55 -8.76 -9.56
CA MET C 122 -28.30 -8.90 -10.34
C MET C 122 -27.39 -9.94 -9.66
N ALA C 123 -27.22 -9.83 -8.33
CA ALA C 123 -26.42 -10.78 -7.52
C ALA C 123 -26.98 -12.20 -7.66
N GLU C 124 -28.30 -12.33 -7.54
CA GLU C 124 -29.03 -13.63 -7.63
C GLU C 124 -28.77 -14.27 -9.00
N ALA C 125 -28.82 -13.48 -10.08
CA ALA C 125 -28.56 -13.94 -11.47
C ALA C 125 -27.14 -14.51 -11.58
N LEU C 126 -26.15 -13.74 -11.09
CA LEU C 126 -24.71 -14.12 -11.08
C LEU C 126 -24.52 -15.36 -10.21
N GLU C 127 -25.17 -15.42 -9.04
CA GLU C 127 -25.04 -16.57 -8.10
C GLU C 127 -25.50 -17.85 -8.82
N LYS C 128 -26.65 -17.79 -9.51
CA LYS C 128 -27.24 -18.97 -10.17
C LYS C 128 -26.22 -19.49 -11.20
N LEU C 129 -25.69 -18.58 -12.02
CA LEU C 129 -24.67 -18.87 -13.06
C LEU C 129 -23.40 -19.40 -12.42
N PHE C 130 -22.95 -18.77 -11.33
CA PHE C 130 -21.76 -19.19 -10.55
C PHE C 130 -21.90 -20.67 -10.18
N LEU C 131 -23.06 -21.05 -9.65
CA LEU C 131 -23.31 -22.41 -9.12
C LEU C 131 -23.41 -23.42 -10.28
N GLN C 132 -23.96 -23.00 -11.43
CA GLN C 132 -23.97 -23.85 -12.66
C GLN C 132 -22.52 -24.19 -13.01
N LYS C 133 -21.68 -23.17 -13.16
CA LYS C 133 -20.28 -23.28 -13.65
C LYS C 133 -19.44 -24.05 -12.62
N ILE C 134 -19.78 -24.00 -11.33
CA ILE C 134 -19.00 -24.63 -10.22
C ILE C 134 -19.18 -26.16 -10.26
N ASN C 135 -20.29 -26.63 -10.84
CA ASN C 135 -20.62 -28.08 -10.92
C ASN C 135 -19.72 -28.77 -11.94
N GLU C 136 -19.30 -28.08 -13.00
CA GLU C 136 -18.46 -28.66 -14.09
C GLU C 136 -16.97 -28.63 -13.68
N LEU C 137 -16.66 -28.50 -12.38
CA LEU C 137 -15.30 -28.32 -11.81
C LEU C 137 -14.53 -29.65 -11.88
N PRO C 138 -13.30 -29.68 -12.47
CA PRO C 138 -12.42 -30.86 -12.41
C PRO C 138 -12.15 -31.44 -11.00
N THR C 139 -11.68 -32.69 -10.97
CA THR C 139 -11.71 -33.60 -9.78
C THR C 139 -10.74 -34.75 -10.00
CAZ A1L0Y D . 14.56 4.20 8.99
CAX A1L0Y D . 15.00 5.53 8.92
CAW A1L0Y D . 14.88 6.33 10.05
CAV A1L0Y D . 15.32 7.64 10.00
FAY A1L0Y D . 15.17 8.35 11.09
CAU A1L0Y D . 15.91 8.19 8.86
CAT A1L0Y D . 16.05 7.38 7.73
CBA A1L0Y D . 16.62 7.88 6.57
CAS A1L0Y D . 15.58 6.06 7.77
OAR A1L0Y D . 15.73 5.24 6.70
CAQ A1L0Y D . 14.93 5.31 5.60
CAP A1L0Y D . 13.81 6.13 5.51
CAO A1L0Y D . 13.07 6.13 4.33
CAN A1L0Y D . 13.40 5.34 3.25
CBB A1L0Y D . 12.62 5.33 2.08
CBC A1L0Y D . 12.48 6.73 1.48
CBD A1L0Y D . 11.27 4.79 2.48
OBE A1L0Y D . 13.21 4.51 1.03
CAM A1L0Y D . 14.52 4.51 3.38
CAJ A1L0Y D . 15.29 4.49 4.53
CAF A1L0Y D . 16.38 3.61 4.56
CAE A1L0Y D . 16.10 2.25 4.40
NAD A1L0Y D . 17.15 1.35 4.41
CAL A1L0Y D . 16.85 -0.08 4.26
CAC A1L0Y D . 18.40 1.78 4.57
OAK A1L0Y D . 19.28 0.93 4.58
CAB A1L0Y D . 18.66 3.11 4.72
CAI A1L0Y D . 19.80 3.80 4.89
CAA A1L0Y D . 17.66 3.99 4.71
OAG A1L0Y D . 18.17 5.22 4.88
CAH A1L0Y D . 19.49 5.11 4.99
CBF A1L0Y D . 20.28 6.18 5.17
NBG A1L0Y D . 21.50 6.20 5.74
CBJ A1L0Y D . 19.94 7.42 4.84
NBI A1L0Y D . 20.94 8.23 5.17
CBH A1L0Y D . 21.88 7.47 5.71
CBK A1L0Y D . 23.06 7.94 6.16
CBL A1L0Y D . 24.09 8.20 5.24
CBM A1L0Y D . 25.31 8.69 5.70
CBN A1L0Y D . 25.49 8.93 7.06
CBO A1L0Y D . 24.48 8.68 7.98
CBP A1L0Y D . 23.24 8.19 7.53
S DMS E . 19.97 6.00 9.30
O DMS E . 20.09 7.47 9.39
C1 DMS E . 19.21 5.42 10.71
C2 DMS E . 18.79 5.60 8.14
P PO4 F . 25.91 -7.16 -1.94
O1 PO4 F . 24.38 -6.99 -1.97
O2 PO4 F . 26.33 -7.96 -3.17
O3 PO4 F . 26.58 -5.79 -1.99
O4 PO4 F . 26.37 -7.91 -0.67
P PO4 G . -4.42 -14.39 6.16
O1 PO4 G . -5.57 -13.89 5.29
O2 PO4 G . -3.14 -14.41 5.33
O3 PO4 G . -4.24 -13.45 7.36
O4 PO4 G . -4.73 -15.80 6.67
CAZ A1L0Y H . 11.12 10.51 10.17
CAX A1L0Y H . 10.94 9.31 10.88
CAW A1L0Y H . 12.02 8.69 11.51
CAV A1L0Y H . 11.90 7.51 12.21
FAY A1L0Y H . 13.15 6.85 12.89
CAU A1L0Y H . 10.65 6.91 12.31
CAT A1L0Y H . 9.54 7.50 11.70
CBA A1L0Y H . 8.31 6.87 11.79
CAS A1L0Y H . 9.68 8.69 10.98
OAR A1L0Y H . 8.59 9.30 10.40
CAQ A1L0Y H . 7.90 8.80 9.33
CAP A1L0Y H . 8.39 7.77 8.54
CAO A1L0Y H . 7.68 7.29 7.46
CAN A1L0Y H . 6.45 7.82 7.14
CBB A1L0Y H . 5.74 7.31 6.02
CBC A1L0Y H . 5.31 5.86 6.31
CBD A1L0Y H . 6.60 7.36 4.74
OBE A1L0Y H . 4.54 8.07 5.72
CAM A1L0Y H . 5.96 8.86 7.95
CAJ A1L0Y H . 6.66 9.36 9.05
CAF A1L0Y H . 6.06 10.42 9.78
CAE A1L0Y H . 5.81 11.63 9.15
NAD A1L0Y H . 5.21 12.67 9.86
CAL A1L0Y H . 4.96 13.97 9.19
CAC A1L0Y H . 4.86 12.48 11.15
OAK A1L0Y H . 4.34 13.41 11.78
CAB A1L0Y H . 5.10 11.29 11.75
CAI A1L0Y H . 4.86 10.88 13.01
CAA A1L0Y H . 5.68 10.28 11.08
OAG A1L0Y H . 5.79 9.23 11.97
CAH A1L0Y H . 5.27 9.62 13.17
CBF A1L0Y H . 5.22 8.84 14.27
NBG A1L0Y H . 5.26 9.20 15.57
CBJ A1L0Y H . 5.16 7.51 14.22
NBI A1L0Y H . 5.15 7.04 15.47
CBH A1L0Y H . 5.21 8.07 16.30
CBK A1L0Y H . 5.21 7.91 17.65
CBL A1L0Y H . 4.10 7.34 18.29
CBM A1L0Y H . 4.07 7.14 19.67
CBN A1L0Y H . 5.18 7.50 20.45
CBO A1L0Y H . 6.30 8.07 19.84
CBP A1L0Y H . 6.32 8.28 18.44
S DMS I . 9.60 10.05 15.49
O DMS I . 8.95 8.76 15.79
C1 DMS I . 10.89 10.27 16.58
C2 DMS I . 10.46 9.91 14.03
S DMS J . 9.85 18.37 -7.70
O DMS J . 11.29 18.79 -7.77
C1 DMS J . 9.03 19.30 -8.98
C2 DMS J . 9.77 16.73 -8.40
P PO4 K . 15.23 23.94 -12.75
O1 PO4 K . 14.78 22.57 -13.28
O2 PO4 K . 16.12 24.62 -13.79
O3 PO4 K . 14.00 24.81 -12.48
O4 PO4 K . 16.00 23.74 -11.43
CAZ A1L0Y L . -26.38 -1.61 -9.18
CAX A1L0Y L . -26.75 -0.27 -9.01
CAW A1L0Y L . -27.80 0.25 -9.76
CAV A1L0Y L . -28.17 1.58 -9.60
FAY A1L0Y L . -29.11 2.04 -10.27
CAU A1L0Y L . -27.51 2.39 -8.70
CAT A1L0Y L . -26.47 1.89 -7.94
CBA A1L0Y L . -25.83 2.74 -7.04
CAS A1L0Y L . -26.10 0.56 -8.12
OAR A1L0Y L . -25.08 0.02 -7.39
CAQ A1L0Y L . -23.79 0.44 -7.59
CAP A1L0Y L . -23.37 1.35 -8.58
CAO A1L0Y L . -22.02 1.71 -8.69
CAN A1L0Y L . -21.09 1.16 -7.79
CBB A1L0Y L . -19.71 1.51 -7.86
CBC A1L0Y L . -19.52 3.03 -7.79
CBD A1L0Y L . -19.15 1.07 -9.23
OBE A1L0Y L . -18.98 0.89 -6.75
CAM A1L0Y L . -21.53 0.25 -6.80
CAJ A1L0Y L . -22.88 -0.12 -6.66
CAF A1L0Y L . -23.28 -1.05 -5.65
CAE A1L0Y L . -22.65 -2.30 -5.59
NAD A1L0Y L . -23.02 -3.23 -4.58
CAL A1L0Y L . -22.37 -4.57 -4.49
CAC A1L0Y L . -23.96 -2.91 -3.70
OAK A1L0Y L . -24.24 -3.78 -2.84
CAB A1L0Y L . -24.56 -1.68 -3.77
CAI A1L0Y L . -25.53 -1.11 -3.01
CAA A1L0Y L . -24.21 -0.79 -4.73
OAG A1L0Y L . -25.01 0.34 -4.54
CAH A1L0Y L . -25.79 0.12 -3.48
CBF A1L0Y L . -26.70 1.01 -3.01
NBG A1L0Y L . -27.82 0.68 -2.39
CBJ A1L0Y L . -26.63 2.34 -3.14
NBI A1L0Y L . -27.72 2.86 -2.58
CBH A1L0Y L . -28.44 1.82 -2.13
CBK A1L0Y L . -29.61 1.91 -1.49
CBL A1L0Y L . -29.79 2.83 -0.45
CBM A1L0Y L . -31.02 2.90 0.21
CBN A1L0Y L . -32.07 2.05 -0.18
CBO A1L0Y L . -31.89 1.12 -1.21
CBP A1L0Y L . -30.66 1.05 -1.87
#